data_4XLV
#
_entry.id   4XLV
#
_cell.length_a   66.982
_cell.length_b   66.982
_cell.length_c   136.580
_cell.angle_alpha   90.00
_cell.angle_beta   90.00
_cell.angle_gamma   120.00
#
_symmetry.space_group_name_H-M   'P 32 2 1'
#
loop_
_entity.id
_entity.type
_entity.pdbx_description
1 polymer 'Insulin receptor'
2 non-polymer 'PHOSPHOMETHYLPHOSPHONIC ACID ADENYLATE ESTER'
3 non-polymer 'MAGNESIUM ION'
4 water water
#
_entity_poly.entity_id   1
_entity_poly.type   'polypeptide(L)'
_entity_poly.pdbx_seq_one_letter_code
;QPDGPLGPLFASSNPE(PTR)LSASDVFPSSVYVPDEWEVSREKITLLRELGQGSFGMVYEGNARDIIKGEAETRVAVKT
VNESASLRERIEFLNEASVMKGFTCHHVVRLLGVVSKGQPTLVVMELMAHGDLKSYLRSLRPEAENNPGRPPPTLQEMIQ
MAAEIADGMAYLNAKKFVHRDLAARNCMVAHDFTVKIGDFGMTRDI(PTR)ETD(PTR)(PTR)RKGGKGLLPVRWMAPE
SLKDGVFTTSSDMWSFGVVLWEITSLAEQPYQGLSNEQVLKFVMDGGYLDQPDNCPERVTDLMRMCWQFNPNMRPTFLEI
VNLLKDDLHPSFPEVSFFHSEENK
;
_entity_poly.pdbx_strand_id   A
#
loop_
_chem_comp.id
_chem_comp.type
_chem_comp.name
_chem_comp.formula
ACP non-polymer 'PHOSPHOMETHYLPHOSPHONIC ACID ADENYLATE ESTER' 'C11 H18 N5 O12 P3'
MG non-polymer 'MAGNESIUM ION' 'Mg 2'
#
# COMPACT_ATOMS: atom_id res chain seq x y z
N SER A 19 -47.06 -13.16 17.61
CA SER A 19 -45.69 -12.57 17.48
C SER A 19 -44.50 -13.54 17.65
N ALA A 20 -43.41 -13.26 16.91
CA ALA A 20 -42.12 -13.95 17.07
C ALA A 20 -41.02 -12.89 17.27
N SER A 21 -41.37 -11.85 18.03
CA SER A 21 -40.48 -10.74 18.30
C SER A 21 -39.36 -11.13 19.28
N ASP A 22 -39.53 -12.26 19.97
CA ASP A 22 -38.52 -12.84 20.85
C ASP A 22 -37.42 -13.55 20.05
N VAL A 23 -37.77 -14.06 18.87
CA VAL A 23 -36.81 -14.75 17.99
C VAL A 23 -35.90 -13.74 17.28
N PHE A 24 -36.45 -12.54 17.02
CA PHE A 24 -35.79 -11.47 16.24
C PHE A 24 -34.39 -11.08 16.74
N PRO A 25 -34.27 -10.65 18.00
CA PRO A 25 -32.91 -10.22 18.41
C PRO A 25 -31.90 -11.38 18.36
N SER A 26 -32.39 -12.62 18.50
CA SER A 26 -31.55 -13.81 18.36
C SER A 26 -31.03 -13.97 16.94
N SER A 27 -31.88 -13.71 15.94
CA SER A 27 -31.61 -14.13 14.55
C SER A 27 -31.11 -13.07 13.55
N VAL A 28 -31.67 -11.86 13.60
CA VAL A 28 -31.25 -10.77 12.70
C VAL A 28 -30.57 -9.65 13.49
N TYR A 29 -29.35 -9.32 13.07
CA TYR A 29 -28.48 -8.39 13.79
C TYR A 29 -28.40 -7.11 13.01
N VAL A 30 -27.74 -6.10 13.58
CA VAL A 30 -27.59 -4.84 12.86
C VAL A 30 -26.81 -5.12 11.57
N PRO A 31 -27.38 -4.73 10.42
CA PRO A 31 -26.70 -5.07 9.18
C PRO A 31 -25.38 -4.31 9.09
N ASP A 32 -24.34 -5.01 8.67
CA ASP A 32 -23.07 -4.38 8.37
C ASP A 32 -23.22 -3.52 7.13
N GLU A 33 -22.92 -2.24 7.28
CA GLU A 33 -22.94 -1.30 6.17
C GLU A 33 -22.12 -1.80 4.96
N TRP A 34 -20.95 -2.37 5.22
CA TRP A 34 -20.06 -2.84 4.16
C TRP A 34 -20.54 -4.02 3.36
N GLU A 35 -21.59 -4.69 3.83
CA GLU A 35 -22.04 -5.90 3.16
C GLU A 35 -22.63 -5.62 1.78
N VAL A 36 -22.15 -6.37 0.80
CA VAL A 36 -22.70 -6.31 -0.54
C VAL A 36 -23.23 -7.70 -0.80
N SER A 37 -24.33 -7.81 -1.54
CA SER A 37 -24.84 -9.14 -1.89
C SER A 37 -23.97 -9.74 -2.99
N ARG A 38 -23.60 -11.00 -2.80
CA ARG A 38 -22.69 -11.69 -3.69
C ARG A 38 -23.05 -11.60 -5.18
N GLU A 39 -24.34 -11.61 -5.50
CA GLU A 39 -24.75 -11.67 -6.90
C GLU A 39 -24.54 -10.33 -7.60
N LYS A 40 -24.29 -9.29 -6.82
CA LYS A 40 -23.98 -7.99 -7.39
C LYS A 40 -22.59 -7.94 -8.03
N ILE A 41 -21.76 -8.95 -7.74
CA ILE A 41 -20.38 -9.02 -8.22
C ILE A 41 -20.25 -9.93 -9.44
N THR A 42 -19.67 -9.40 -10.52
CA THR A 42 -19.31 -10.23 -11.66
C THR A 42 -17.79 -10.20 -11.78
N LEU A 43 -17.13 -11.35 -11.87
CA LEU A 43 -15.68 -11.43 -11.97
C LEU A 43 -15.24 -11.70 -13.38
N LEU A 44 -14.24 -10.96 -13.84
CA LEU A 44 -13.82 -10.99 -15.24
C LEU A 44 -12.51 -11.75 -15.48
N ARG A 45 -11.50 -11.50 -14.65
CA ARG A 45 -10.17 -12.06 -14.88
C ARG A 45 -9.27 -11.86 -13.67
N GLU A 46 -8.26 -12.69 -13.59
CA GLU A 46 -7.28 -12.66 -12.53
C GLU A 46 -6.29 -11.53 -12.74
N LEU A 47 -6.11 -10.71 -11.72
CA LEU A 47 -5.23 -9.55 -11.79
C LEU A 47 -3.95 -9.82 -11.03
N GLY A 48 -3.95 -10.92 -10.28
CA GLY A 48 -2.83 -11.27 -9.41
C GLY A 48 -3.11 -12.53 -8.60
N GLN A 49 -2.05 -13.32 -8.41
CA GLN A 49 -2.02 -14.40 -7.45
C GLN A 49 -0.97 -14.02 -6.44
N GLY A 50 -1.36 -13.97 -5.17
CA GLY A 50 -0.39 -13.94 -4.08
C GLY A 50 0.11 -15.36 -3.86
N SER A 51 0.70 -15.62 -2.69
CA SER A 51 1.06 -16.99 -2.32
C SER A 51 -0.16 -17.75 -1.75
N PHE A 52 -1.16 -17.00 -1.32
CA PHE A 52 -2.44 -17.56 -0.88
C PHE A 52 -3.66 -16.69 -1.23
N GLY A 53 -3.41 -15.57 -1.92
CA GLY A 53 -4.48 -14.60 -2.20
C GLY A 53 -4.69 -14.18 -3.66
N MET A 54 -5.87 -14.51 -4.19
CA MET A 54 -6.31 -14.09 -5.53
C MET A 54 -6.81 -12.66 -5.57
N VAL A 55 -6.45 -11.94 -6.62
CA VAL A 55 -7.05 -10.64 -6.89
C VAL A 55 -7.68 -10.65 -8.28
N TYR A 56 -8.99 -10.46 -8.35
CA TYR A 56 -9.71 -10.46 -9.61
C TYR A 56 -10.14 -9.06 -10.01
N GLU A 57 -10.15 -8.80 -11.30
CA GLU A 57 -10.91 -7.68 -11.84
C GLU A 57 -12.35 -8.12 -11.99
N GLY A 58 -13.26 -7.20 -11.66
CA GLY A 58 -14.68 -7.50 -11.71
C GLY A 58 -15.49 -6.26 -11.96
N ASN A 59 -16.78 -6.39 -11.78
CA ASN A 59 -17.73 -5.34 -12.04
C ASN A 59 -18.84 -5.58 -11.04
N ALA A 60 -19.32 -4.51 -10.44
CA ALA A 60 -20.33 -4.62 -9.38
C ALA A 60 -21.52 -3.76 -9.70
N ARG A 61 -22.72 -4.30 -9.50
CA ARG A 61 -23.99 -3.55 -9.67
C ARG A 61 -24.36 -2.86 -8.37
N ASP A 62 -24.58 -1.55 -8.45
CA ASP A 62 -25.09 -0.73 -7.34
C ASP A 62 -24.36 -0.85 -6.01
N ILE A 63 -23.05 -0.62 -6.00
CA ILE A 63 -22.34 -0.59 -4.71
C ILE A 63 -21.90 0.79 -4.30
N ILE A 64 -21.93 1.73 -5.23
CA ILE A 64 -21.69 3.13 -4.93
C ILE A 64 -22.97 3.89 -5.29
N LYS A 65 -23.53 4.61 -4.33
CA LYS A 65 -24.70 5.46 -4.55
C LYS A 65 -24.53 6.34 -5.78
N GLY A 66 -25.50 6.31 -6.68
CA GLY A 66 -25.43 7.13 -7.90
C GLY A 66 -24.80 6.47 -9.11
N GLU A 67 -23.85 5.56 -8.85
CA GLU A 67 -23.20 4.74 -9.89
C GLU A 67 -23.97 3.45 -10.10
N ALA A 68 -24.46 3.26 -11.31
CA ALA A 68 -25.20 2.04 -11.65
C ALA A 68 -24.28 0.80 -11.63
N GLU A 69 -23.07 0.95 -12.17
CA GLU A 69 -22.08 -0.15 -12.18
C GLU A 69 -20.71 0.41 -11.87
N THR A 70 -19.86 -0.41 -11.26
CA THR A 70 -18.57 0.07 -10.80
C THR A 70 -17.50 -0.97 -11.08
N ARG A 71 -16.50 -0.62 -11.87
CA ARG A 71 -15.37 -1.52 -12.04
C ARG A 71 -14.75 -1.70 -10.66
N VAL A 72 -14.24 -2.91 -10.37
CA VAL A 72 -13.72 -3.20 -9.04
C VAL A 72 -12.62 -4.24 -9.07
N ALA A 73 -11.90 -4.31 -7.95
CA ALA A 73 -10.96 -5.38 -7.70
C ALA A 73 -11.50 -6.15 -6.52
N VAL A 74 -11.36 -7.46 -6.59
CA VAL A 74 -11.93 -8.33 -5.60
C VAL A 74 -10.79 -9.19 -5.03
N LYS A 75 -10.57 -9.09 -3.73
CA LYS A 75 -9.50 -9.85 -3.10
C LYS A 75 -10.17 -11.02 -2.42
N THR A 76 -9.65 -12.23 -2.62
CA THR A 76 -10.11 -13.42 -1.88
C THR A 76 -8.90 -14.16 -1.30
N VAL A 77 -9.15 -15.19 -0.49
CA VAL A 77 -8.12 -16.17 -0.16
C VAL A 77 -8.57 -17.53 -0.68
N ASN A 78 -7.63 -18.31 -1.22
CA ASN A 78 -7.95 -19.69 -1.63
C ASN A 78 -8.24 -20.60 -0.44
N GLU A 79 -8.89 -21.74 -0.70
CA GLU A 79 -9.30 -22.70 0.34
C GLU A 79 -8.12 -23.47 0.91
N SER A 80 -6.95 -23.19 0.35
CA SER A 80 -5.70 -23.70 0.85
C SER A 80 -5.13 -22.77 1.89
N ALA A 81 -5.85 -21.69 2.18
CA ALA A 81 -5.36 -20.66 3.09
C ALA A 81 -5.23 -21.28 4.46
N SER A 82 -4.14 -20.98 5.16
CA SER A 82 -3.97 -21.47 6.51
C SER A 82 -4.81 -20.65 7.49
N LEU A 83 -4.93 -21.11 8.71
CA LEU A 83 -5.64 -20.36 9.72
C LEU A 83 -5.04 -18.97 9.92
N ARG A 84 -3.71 -18.91 10.03
CA ARG A 84 -3.01 -17.63 10.14
C ARG A 84 -3.30 -16.69 8.97
N GLU A 85 -3.30 -17.23 7.75
CA GLU A 85 -3.64 -16.47 6.55
C GLU A 85 -5.07 -15.92 6.58
N ARG A 86 -6.02 -16.73 7.05
CA ARG A 86 -7.42 -16.29 7.20
C ARG A 86 -7.60 -15.23 8.26
N ILE A 87 -6.87 -15.37 9.35
CA ILE A 87 -6.84 -14.36 10.38
C ILE A 87 -6.36 -13.03 9.81
N GLU A 88 -5.22 -13.06 9.11
CA GLU A 88 -4.62 -11.85 8.53
C GLU A 88 -5.50 -11.13 7.51
N PHE A 89 -6.10 -11.89 6.59
CA PHE A 89 -7.03 -11.35 5.61
C PHE A 89 -8.21 -10.70 6.33
N LEU A 90 -8.65 -11.35 7.40
CA LEU A 90 -9.74 -10.81 8.22
C LEU A 90 -9.37 -9.45 8.80
N ASN A 91 -8.16 -9.33 9.34
CA ASN A 91 -7.72 -8.05 9.92
C ASN A 91 -7.34 -6.99 8.89
N GLU A 92 -6.86 -7.42 7.72
CA GLU A 92 -6.66 -6.54 6.60
C GLU A 92 -8.02 -5.92 6.18
N ALA A 93 -9.06 -6.74 6.10
CA ALA A 93 -10.39 -6.25 5.76
C ALA A 93 -10.87 -5.17 6.74
N SER A 94 -10.65 -5.39 8.04
CA SER A 94 -11.13 -4.46 9.07
C SER A 94 -10.42 -3.12 9.07
N VAL A 95 -9.09 -3.11 9.04
CA VAL A 95 -8.38 -1.82 9.03
C VAL A 95 -8.81 -0.95 7.84
N MET A 96 -9.08 -1.57 6.70
CA MET A 96 -9.49 -0.81 5.50
C MET A 96 -10.79 -0.06 5.69
N LYS A 97 -11.67 -0.59 6.54
CA LYS A 97 -12.98 0.03 6.79
C LYS A 97 -12.80 1.45 7.31
N GLY A 98 -11.71 1.70 8.02
CA GLY A 98 -11.51 3.00 8.68
C GLY A 98 -10.87 4.10 7.83
N PHE A 99 -10.51 3.82 6.57
CA PHE A 99 -9.70 4.78 5.77
C PHE A 99 -10.48 5.44 4.64
N THR A 100 -10.31 6.74 4.50
CA THR A 100 -10.93 7.48 3.44
C THR A 100 -9.90 8.49 2.96
N CYS A 101 -9.18 8.14 1.91
CA CYS A 101 -8.15 9.01 1.39
C CYS A 101 -7.95 8.73 -0.09
N HIS A 102 -7.92 9.80 -0.88
CA HIS A 102 -7.61 9.67 -2.30
C HIS A 102 -6.36 8.87 -2.64
N HIS A 103 -5.39 8.78 -1.72
CA HIS A 103 -4.14 8.09 -2.00
C HIS A 103 -3.94 6.82 -1.27
N VAL A 104 -5.06 6.21 -0.89
CA VAL A 104 -5.09 4.91 -0.22
C VAL A 104 -6.20 4.15 -0.93
N VAL A 105 -5.90 2.89 -1.26
CA VAL A 105 -6.85 2.06 -1.96
C VAL A 105 -8.12 1.90 -1.12
N ARG A 106 -9.24 2.34 -1.71
CA ARG A 106 -10.57 2.40 -1.10
C ARG A 106 -11.29 1.06 -0.97
N LEU A 107 -11.63 0.64 0.25
CA LEU A 107 -12.57 -0.47 0.43
C LEU A 107 -13.98 -0.08 -0.02
N LEU A 108 -14.64 -0.96 -0.76
CA LEU A 108 -15.96 -0.62 -1.32
C LEU A 108 -17.06 -1.50 -0.77
N GLY A 109 -16.69 -2.68 -0.26
CA GLY A 109 -17.67 -3.60 0.25
C GLY A 109 -17.03 -4.91 0.63
N VAL A 110 -17.78 -5.76 1.31
CA VAL A 110 -17.35 -7.09 1.71
C VAL A 110 -18.52 -8.06 1.45
N VAL A 111 -18.18 -9.29 1.05
CA VAL A 111 -19.18 -10.35 0.98
C VAL A 111 -18.75 -11.38 2.03
N SER A 112 -19.60 -11.56 3.03
CA SER A 112 -19.33 -12.49 4.14
C SER A 112 -20.37 -13.60 4.20
N LYS A 113 -21.51 -13.38 3.55
CA LYS A 113 -22.53 -14.41 3.43
C LYS A 113 -22.08 -15.46 2.40
N GLY A 114 -21.61 -16.61 2.90
CA GLY A 114 -21.16 -17.72 2.06
C GLY A 114 -19.66 -17.75 1.79
N GLN A 115 -19.25 -18.73 0.98
CA GLN A 115 -17.84 -18.85 0.54
C GLN A 115 -17.66 -18.50 -0.95
N PRO A 116 -16.48 -17.95 -1.32
CA PRO A 116 -15.45 -17.46 -0.40
C PRO A 116 -15.77 -16.02 0.05
N THR A 117 -15.02 -15.55 1.05
CA THR A 117 -15.12 -14.16 1.46
C THR A 117 -14.47 -13.24 0.42
N LEU A 118 -15.23 -12.26 -0.04
CA LEU A 118 -14.73 -11.29 -0.99
C LEU A 118 -14.52 -9.91 -0.35
N VAL A 119 -13.39 -9.29 -0.66
CA VAL A 119 -13.09 -7.91 -0.29
C VAL A 119 -13.05 -7.12 -1.59
N VAL A 120 -13.99 -6.18 -1.74
CA VAL A 120 -14.22 -5.45 -2.98
C VAL A 120 -13.63 -4.04 -2.86
N MET A 121 -12.74 -3.66 -3.77
CA MET A 121 -11.98 -2.40 -3.68
C MET A 121 -12.07 -1.65 -4.99
N GLU A 122 -11.74 -0.35 -4.97
CA GLU A 122 -11.64 0.38 -6.22
C GLU A 122 -10.65 -0.35 -7.16
N LEU A 123 -10.96 -0.41 -8.46
CA LEU A 123 -10.02 -1.02 -9.41
C LEU A 123 -8.83 -0.07 -9.62
N MET A 124 -7.62 -0.58 -9.43
CA MET A 124 -6.42 0.18 -9.83
C MET A 124 -5.94 -0.38 -11.15
N ALA A 125 -6.41 0.23 -12.25
CA ALA A 125 -6.30 -0.33 -13.59
C ALA A 125 -4.90 -0.70 -14.11
N HIS A 126 -3.83 -0.05 -13.62
CA HIS A 126 -2.47 -0.43 -14.07
C HIS A 126 -1.76 -1.29 -13.09
N GLY A 127 -2.50 -1.86 -12.14
CA GLY A 127 -1.95 -2.84 -11.19
C GLY A 127 -1.01 -2.17 -10.20
N ASP A 128 0.01 -2.90 -9.80
CA ASP A 128 0.98 -2.40 -8.85
C ASP A 128 2.13 -1.69 -9.53
N LEU A 129 2.76 -0.80 -8.77
CA LEU A 129 3.81 0.05 -9.29
C LEU A 129 4.99 -0.75 -9.78
N LYS A 130 5.32 -1.82 -9.05
CA LYS A 130 6.47 -2.61 -9.37
C LYS A 130 6.34 -3.18 -10.77
N SER A 131 5.19 -3.79 -11.05
CA SER A 131 4.95 -4.39 -12.34
C SER A 131 4.89 -3.28 -13.34
N TYR A 132 4.24 -2.18 -12.96
CA TYR A 132 4.11 -1.09 -13.87
C TYR A 132 5.49 -0.59 -14.26
N LEU A 133 6.40 -0.43 -13.30
CA LEU A 133 7.72 0.14 -13.60
C LEU A 133 8.47 -0.77 -14.57
N ARG A 134 8.50 -2.07 -14.25
CA ARG A 134 9.16 -3.06 -15.06
C ARG A 134 8.62 -3.08 -16.47
N SER A 135 7.33 -2.85 -16.65
CA SER A 135 6.76 -2.82 -17.99
C SER A 135 7.25 -1.62 -18.82
N LEU A 136 7.81 -0.63 -18.15
CA LEU A 136 8.24 0.60 -18.80
C LEU A 136 9.72 0.55 -19.17
N ARG A 137 10.43 -0.49 -18.73
CA ARG A 137 11.74 -0.77 -19.28
C ARG A 137 11.60 -0.91 -20.80
N PRO A 138 12.57 -0.32 -21.56
CA PRO A 138 12.47 -0.36 -23.04
C PRO A 138 12.41 -1.79 -23.57
N GLU A 139 13.18 -2.67 -22.95
CA GLU A 139 13.26 -4.09 -23.30
C GLU A 139 12.00 -4.89 -23.02
N ALA A 140 11.21 -4.47 -22.02
CA ALA A 140 10.06 -5.24 -21.56
C ALA A 140 9.21 -5.79 -22.69
N GLU A 141 8.95 -7.09 -22.64
CA GLU A 141 8.05 -7.71 -23.59
C GLU A 141 6.65 -7.08 -23.52
N ASN A 142 6.21 -6.70 -22.32
CA ASN A 142 4.89 -6.08 -22.13
C ASN A 142 4.88 -4.56 -22.14
N ASN A 143 5.86 -3.94 -22.79
CA ASN A 143 5.93 -2.48 -22.81
C ASN A 143 4.69 -1.86 -23.44
N PRO A 144 4.11 -0.85 -22.78
CA PRO A 144 2.86 -0.22 -23.23
C PRO A 144 2.96 0.82 -24.35
N GLY A 145 4.17 1.16 -24.79
CA GLY A 145 4.37 2.15 -25.85
C GLY A 145 4.52 3.60 -25.39
N ARG A 146 4.93 3.80 -24.13
CA ARG A 146 5.25 5.14 -23.65
C ARG A 146 6.63 5.09 -22.98
N PRO A 147 7.30 6.25 -22.86
CA PRO A 147 8.66 6.25 -22.25
C PRO A 147 8.68 5.83 -20.77
N PRO A 148 9.86 5.59 -20.19
CA PRO A 148 9.93 5.37 -18.74
C PRO A 148 9.47 6.65 -18.05
N PRO A 149 9.27 6.64 -16.72
CA PRO A 149 8.74 7.86 -16.07
C PRO A 149 9.68 9.08 -16.15
N THR A 150 9.11 10.25 -16.37
CA THR A 150 9.83 11.51 -16.39
C THR A 150 10.05 11.94 -14.97
N LEU A 151 11.00 12.87 -14.76
CA LEU A 151 11.27 13.38 -13.43
C LEU A 151 9.97 13.88 -12.80
N GLN A 152 9.24 14.69 -13.56
CA GLN A 152 7.93 15.15 -13.12
C GLN A 152 7.01 14.02 -12.57
N GLU A 153 6.89 12.93 -13.33
CA GLU A 153 6.01 11.82 -12.96
C GLU A 153 6.50 11.10 -11.73
N MET A 154 7.81 11.05 -11.55
CA MET A 154 8.39 10.41 -10.39
C MET A 154 8.15 11.26 -9.17
N ILE A 155 8.20 12.58 -9.32
CA ILE A 155 7.92 13.48 -8.21
C ILE A 155 6.44 13.38 -7.82
N GLN A 156 5.56 13.30 -8.83
CA GLN A 156 4.13 13.15 -8.60
C GLN A 156 3.84 11.83 -7.88
N MET A 157 4.49 10.75 -8.33
CA MET A 157 4.34 9.46 -7.68
C MET A 157 4.72 9.55 -6.20
N ALA A 158 5.90 10.08 -5.94
CA ALA A 158 6.42 10.18 -4.58
C ALA A 158 5.47 10.98 -3.68
N ALA A 159 4.91 12.06 -4.22
CA ALA A 159 4.03 12.92 -3.44
C ALA A 159 2.74 12.18 -3.06
N GLU A 160 2.24 11.37 -3.99
CA GLU A 160 1.01 10.61 -3.79
C GLU A 160 1.21 9.54 -2.74
N ILE A 161 2.32 8.83 -2.84
CA ILE A 161 2.63 7.77 -1.90
C ILE A 161 2.79 8.38 -0.49
N ALA A 162 3.56 9.47 -0.38
CA ALA A 162 3.84 10.12 0.90
C ALA A 162 2.57 10.69 1.50
N ASP A 163 1.68 11.21 0.66
CA ASP A 163 0.41 11.74 1.14
C ASP A 163 -0.40 10.60 1.79
N GLY A 164 -0.44 9.46 1.09
CA GLY A 164 -1.22 8.31 1.54
C GLY A 164 -0.66 7.78 2.83
N MET A 165 0.67 7.68 2.89
CA MET A 165 1.36 7.29 4.10
C MET A 165 1.18 8.34 5.20
N ALA A 166 1.13 9.62 4.82
CA ALA A 166 0.87 10.67 5.80
C ALA A 166 -0.48 10.44 6.46
N TYR A 167 -1.48 10.10 5.65
CA TYR A 167 -2.83 9.84 6.14
C TYR A 167 -2.88 8.70 7.14
N LEU A 168 -2.27 7.57 6.79
CA LEU A 168 -2.26 6.40 7.64
C LEU A 168 -1.58 6.69 8.97
N ASN A 169 -0.50 7.45 8.93
CA ASN A 169 0.18 7.87 10.16
C ASN A 169 -0.70 8.82 10.98
N ALA A 170 -1.49 9.67 10.32
CA ALA A 170 -2.44 10.53 11.05
C ALA A 170 -3.50 9.68 11.73
N LYS A 171 -3.74 8.47 11.21
CA LYS A 171 -4.77 7.60 11.79
C LYS A 171 -4.15 6.65 12.80
N LYS A 172 -2.83 6.82 13.03
CA LYS A 172 -2.04 6.03 14.00
C LYS A 172 -1.89 4.53 13.65
N PHE A 173 -1.59 4.28 12.37
CA PHE A 173 -1.21 2.95 11.88
C PHE A 173 0.16 3.02 11.24
N VAL A 174 0.93 1.96 11.41
CA VAL A 174 2.19 1.84 10.70
C VAL A 174 1.96 0.72 9.69
N HIS A 175 2.32 0.97 8.43
CA HIS A 175 2.03 0.02 7.36
C HIS A 175 2.91 -1.22 7.39
N ARG A 176 4.22 -1.03 7.65
CA ARG A 176 5.19 -2.12 7.84
C ARG A 176 5.57 -2.86 6.57
N ASP A 177 4.89 -2.60 5.46
CA ASP A 177 5.16 -3.35 4.25
C ASP A 177 5.08 -2.49 2.98
N LEU A 178 5.49 -1.22 3.12
CA LEU A 178 5.48 -0.31 1.98
C LEU A 178 6.57 -0.71 0.97
N ALA A 179 6.17 -0.91 -0.28
CA ALA A 179 7.05 -1.38 -1.34
C ALA A 179 6.30 -1.22 -2.64
N ALA A 180 7.01 -1.07 -3.74
CA ALA A 180 6.36 -0.81 -5.01
C ALA A 180 5.28 -1.84 -5.33
N ARG A 181 5.49 -3.08 -4.85
CA ARG A 181 4.54 -4.18 -5.07
C ARG A 181 3.19 -3.94 -4.40
N ASN A 182 3.20 -3.04 -3.40
CA ASN A 182 2.00 -2.67 -2.62
C ASN A 182 1.51 -1.27 -2.87
N CYS A 183 2.10 -0.60 -3.85
CA CYS A 183 1.57 0.68 -4.33
C CYS A 183 0.83 0.37 -5.61
N MET A 184 -0.41 0.81 -5.72
CA MET A 184 -1.23 0.43 -6.83
C MET A 184 -1.35 1.62 -7.76
N VAL A 185 -1.46 1.38 -9.05
CA VAL A 185 -1.47 2.46 -10.02
C VAL A 185 -2.81 2.48 -10.72
N ALA A 186 -3.45 3.64 -10.75
CA ALA A 186 -4.79 3.77 -11.34
C ALA A 186 -4.74 4.07 -12.83
N HIS A 187 -5.92 4.05 -13.46
CA HIS A 187 -6.13 4.37 -14.87
C HIS A 187 -5.55 5.71 -15.27
N ASP A 188 -5.75 6.70 -14.40
CA ASP A 188 -5.19 8.03 -14.61
C ASP A 188 -3.73 8.14 -14.09
N PHE A 189 -3.16 7.02 -13.66
CA PHE A 189 -1.75 6.91 -13.25
C PHE A 189 -1.46 7.38 -11.81
N THR A 190 -2.51 7.73 -11.07
CA THR A 190 -2.39 8.07 -9.63
C THR A 190 -1.96 6.84 -8.83
N VAL A 191 -1.02 7.02 -7.91
CA VAL A 191 -0.58 5.89 -7.11
C VAL A 191 -1.24 5.99 -5.75
N LYS A 192 -1.52 4.85 -5.14
CA LYS A 192 -2.21 4.80 -3.88
C LYS A 192 -1.66 3.64 -3.06
N ILE A 193 -1.58 3.81 -1.75
CA ILE A 193 -1.10 2.73 -0.87
C ILE A 193 -2.17 1.64 -0.79
N GLY A 194 -1.76 0.38 -0.95
CA GLY A 194 -2.62 -0.77 -0.72
C GLY A 194 -1.94 -1.78 0.19
N ASP A 195 -2.54 -2.96 0.28
CA ASP A 195 -2.01 -4.08 1.02
C ASP A 195 -1.76 -3.88 2.51
N PHE A 196 -2.81 -4.00 3.29
CA PHE A 196 -2.79 -3.71 4.71
C PHE A 196 -2.68 -4.91 5.65
N GLY A 197 -2.39 -6.09 5.09
CA GLY A 197 -2.18 -7.29 5.91
C GLY A 197 -1.19 -7.10 7.04
N MET A 198 -0.16 -6.29 6.83
CA MET A 198 0.87 -6.12 7.87
C MET A 198 0.64 -4.87 8.76
N THR A 199 -0.38 -4.08 8.42
CA THR A 199 -0.70 -2.83 9.10
C THR A 199 -1.10 -3.04 10.57
N ARG A 200 -0.56 -2.20 11.46
CA ARG A 200 -0.77 -2.33 12.89
C ARG A 200 -1.15 -1.00 13.52
N ASP A 201 -2.04 -1.06 14.51
CA ASP A 201 -2.47 0.12 15.22
C ASP A 201 -1.37 0.54 16.19
N ILE A 202 -1.00 1.81 16.17
CA ILE A 202 0.08 2.32 17.05
C ILE A 202 -0.38 3.51 17.92
N PTR A 203 -1.70 3.61 18.12
CA PTR A 203 -2.31 4.76 18.81
C PTR A 203 -1.75 5.01 20.20
O PTR A 203 -1.34 6.12 20.48
CB PTR A 203 -3.83 4.59 18.87
CG PTR A 203 -4.51 5.74 19.58
CD1 PTR A 203 -5.01 6.80 18.83
CD2 PTR A 203 -4.65 5.74 20.97
CE1 PTR A 203 -5.66 7.88 19.43
CE2 PTR A 203 -5.29 6.83 21.57
CZ PTR A 203 -5.79 7.89 20.82
OH PTR A 203 -6.43 8.96 21.42
P PTR A 203 -5.58 10.09 22.22
O1P PTR A 203 -4.49 9.32 22.97
O2P PTR A 203 -5.04 10.98 21.12
O3P PTR A 203 -6.57 10.79 23.14
N GLU A 204 -1.75 3.99 21.06
CA GLU A 204 -1.29 4.14 22.45
C GLU A 204 0.22 4.40 22.59
N THR A 205 1.04 3.64 21.87
CA THR A 205 2.49 3.66 22.10
C THR A 205 3.33 4.36 21.03
N ASP A 206 2.73 4.58 19.86
CA ASP A 206 3.44 5.04 18.64
C ASP A 206 4.46 4.07 18.01
N PTR A 207 4.46 2.81 18.44
CA PTR A 207 5.26 1.78 17.81
C PTR A 207 4.58 0.44 17.97
O PTR A 207 3.74 0.27 18.84
CB PTR A 207 6.68 1.68 18.38
CG PTR A 207 6.73 1.17 19.80
CD1 PTR A 207 6.98 -0.18 20.04
CD2 PTR A 207 6.55 2.06 20.86
CE1 PTR A 207 7.04 -0.65 21.36
CE2 PTR A 207 6.61 1.60 22.18
CZ PTR A 207 6.85 0.24 22.42
OH PTR A 207 6.88 -0.19 23.72
P PTR A 207 7.94 -1.29 24.25
O1P PTR A 207 9.26 -0.77 23.78
O2P PTR A 207 7.79 -1.19 25.75
O3P PTR A 207 7.47 -2.59 23.63
N PTR A 208 4.97 -0.49 17.11
CA PTR A 208 4.50 -1.86 17.18
C PTR A 208 5.75 -2.70 17.24
O PTR A 208 6.66 -2.55 16.42
CB PTR A 208 3.70 -2.19 15.94
CG PTR A 208 3.47 -3.69 15.78
CD1 PTR A 208 4.39 -4.44 15.04
CD2 PTR A 208 2.35 -4.31 16.35
CE1 PTR A 208 4.22 -5.81 14.88
CE2 PTR A 208 2.18 -5.68 16.18
CZ PTR A 208 3.11 -6.43 15.44
OH PTR A 208 3.01 -7.80 15.23
P PTR A 208 1.95 -8.87 15.84
O1P PTR A 208 2.01 -8.66 17.34
O2P PTR A 208 2.54 -10.19 15.41
O3P PTR A 208 0.65 -8.53 15.15
N ARG A 209 5.79 -3.58 18.23
CA ARG A 209 6.91 -4.47 18.41
C ARG A 209 6.49 -5.89 18.04
N LYS A 210 7.35 -6.57 17.28
CA LYS A 210 7.10 -7.92 16.83
C LYS A 210 8.04 -8.92 17.49
N GLY A 211 7.47 -9.89 18.22
CA GLY A 211 8.24 -10.96 18.82
C GLY A 211 8.68 -12.05 17.85
N GLY A 212 9.92 -11.96 17.38
CA GLY A 212 10.59 -13.02 16.63
C GLY A 212 10.03 -13.41 15.27
N LYS A 213 9.66 -14.69 15.13
CA LYS A 213 9.29 -15.30 13.83
C LYS A 213 8.15 -14.60 13.08
N GLY A 214 8.25 -14.60 11.76
CA GLY A 214 7.27 -13.96 10.87
C GLY A 214 7.87 -13.28 9.64
N LEU A 215 7.98 -14.05 8.56
CA LEU A 215 8.42 -13.56 7.24
C LEU A 215 8.06 -12.11 6.90
N LEU A 216 9.00 -11.18 7.10
CA LEU A 216 8.89 -9.85 6.49
C LEU A 216 10.17 -9.51 5.76
N PRO A 217 10.02 -9.03 4.50
CA PRO A 217 11.15 -8.78 3.61
C PRO A 217 12.09 -7.70 4.13
N VAL A 218 13.28 -8.18 4.48
CA VAL A 218 14.35 -7.46 5.14
C VAL A 218 14.93 -6.31 4.31
N ARG A 219 14.77 -6.39 2.99
CA ARG A 219 15.32 -5.39 2.04
C ARG A 219 14.62 -4.03 2.07
N TRP A 220 13.39 -3.99 2.59
CA TRP A 220 12.61 -2.76 2.75
C TRP A 220 12.59 -2.23 4.16
N MET A 221 13.36 -2.88 5.05
CA MET A 221 13.27 -2.64 6.49
C MET A 221 14.34 -1.73 7.07
N ALA A 222 13.95 -0.98 8.11
CA ALA A 222 14.85 -0.08 8.82
C ALA A 222 15.82 -0.85 9.75
N PRO A 223 17.02 -0.29 10.02
CA PRO A 223 17.99 -1.00 10.89
C PRO A 223 17.37 -1.39 12.23
N GLU A 224 16.74 -0.44 12.90
CA GLU A 224 16.09 -0.68 14.18
C GLU A 224 15.00 -1.77 14.16
N SER A 225 14.30 -1.93 13.03
CA SER A 225 13.32 -3.02 12.87
C SER A 225 14.01 -4.36 12.72
N LEU A 226 15.08 -4.37 11.93
CA LEU A 226 15.94 -5.52 11.79
C LEU A 226 16.53 -5.93 13.15
N LYS A 227 16.91 -4.96 13.96
CA LYS A 227 17.50 -5.22 15.25
C LYS A 227 16.49 -5.61 16.34
N ASP A 228 15.49 -4.76 16.56
CA ASP A 228 14.61 -4.88 17.72
C ASP A 228 13.17 -5.23 17.37
N GLY A 229 12.90 -5.49 16.09
CA GLY A 229 11.54 -5.76 15.64
C GLY A 229 10.59 -4.63 15.96
N VAL A 230 11.12 -3.40 16.00
CA VAL A 230 10.32 -2.21 16.27
C VAL A 230 9.91 -1.53 14.96
N PHE A 231 8.64 -1.16 14.85
CA PHE A 231 8.14 -0.53 13.64
C PHE A 231 7.43 0.73 14.03
N THR A 232 7.84 1.83 13.38
CA THR A 232 7.26 3.15 13.60
C THR A 232 6.95 3.78 12.25
N THR A 233 6.35 4.98 12.26
CA THR A 233 6.20 5.74 11.01
C THR A 233 7.58 6.11 10.43
N SER A 234 8.57 6.25 11.29
CA SER A 234 9.93 6.49 10.82
C SER A 234 10.54 5.29 10.07
N SER A 235 10.22 4.06 10.49
CA SER A 235 10.62 2.86 9.72
C SER A 235 9.79 2.71 8.39
N ASP A 236 8.56 3.22 8.37
CA ASP A 236 7.84 3.36 7.09
C ASP A 236 8.56 4.33 6.18
N MET A 237 9.14 5.38 6.77
CA MET A 237 9.94 6.36 6.00
C MET A 237 11.13 5.67 5.38
N TRP A 238 11.76 4.78 6.12
CA TRP A 238 12.83 3.98 5.54
C TRP A 238 12.36 3.25 4.32
N SER A 239 11.24 2.55 4.41
CA SER A 239 10.72 1.79 3.25
C SER A 239 10.38 2.70 2.09
N PHE A 240 9.90 3.91 2.41
CA PHE A 240 9.59 4.93 1.38
C PHE A 240 10.83 5.24 0.52
N GLY A 241 11.99 5.40 1.15
CA GLY A 241 13.26 5.57 0.43
C GLY A 241 13.51 4.42 -0.53
N VAL A 242 13.33 3.18 -0.05
CA VAL A 242 13.49 2.02 -0.90
C VAL A 242 12.50 2.09 -2.05
N VAL A 243 11.30 2.62 -1.81
CA VAL A 243 10.33 2.78 -2.92
C VAL A 243 10.79 3.80 -3.96
N LEU A 244 11.38 4.90 -3.50
CA LEU A 244 12.03 5.88 -4.41
C LEU A 244 13.09 5.21 -5.27
N TRP A 245 13.83 4.32 -4.64
CA TRP A 245 14.90 3.57 -5.29
C TRP A 245 14.36 2.65 -6.36
N GLU A 246 13.28 1.93 -6.04
CA GLU A 246 12.63 1.07 -7.04
C GLU A 246 12.12 1.91 -8.21
N ILE A 247 11.52 3.05 -7.91
CA ILE A 247 11.06 3.93 -8.97
C ILE A 247 12.22 4.38 -9.88
N THR A 248 13.34 4.78 -9.29
CA THR A 248 14.45 5.31 -10.11
C THR A 248 15.35 4.22 -10.71
N SER A 249 15.11 2.96 -10.33
CA SER A 249 15.80 1.83 -10.94
C SER A 249 14.87 0.98 -11.80
N LEU A 250 13.65 1.45 -12.02
CA LEU A 250 12.61 0.66 -12.68
C LEU A 250 12.40 -0.73 -12.06
N ALA A 251 12.35 -0.76 -10.73
CA ALA A 251 11.99 -1.96 -9.96
C ALA A 251 13.03 -3.09 -10.05
N GLU A 252 14.31 -2.73 -9.93
CA GLU A 252 15.36 -3.71 -9.71
C GLU A 252 15.17 -4.40 -8.35
N GLN A 253 15.88 -5.50 -8.12
CA GLN A 253 15.95 -6.09 -6.79
C GLN A 253 16.91 -5.29 -5.92
N PRO A 254 16.41 -4.70 -4.82
CA PRO A 254 17.34 -4.05 -3.92
C PRO A 254 18.39 -5.03 -3.40
N TYR A 255 19.65 -4.59 -3.34
CA TYR A 255 20.73 -5.44 -2.85
C TYR A 255 20.88 -6.76 -3.60
N GLN A 256 20.60 -6.75 -4.91
CA GLN A 256 20.85 -7.89 -5.78
C GLN A 256 22.22 -8.54 -5.54
N GLY A 257 22.22 -9.85 -5.37
CA GLY A 257 23.49 -10.58 -5.20
C GLY A 257 23.98 -10.62 -3.78
N LEU A 258 23.22 -10.01 -2.86
CA LEU A 258 23.40 -10.25 -1.42
C LEU A 258 22.22 -11.10 -0.94
N SER A 259 22.45 -11.84 0.14
CA SER A 259 21.43 -12.69 0.75
C SER A 259 20.73 -11.88 1.82
N ASN A 260 19.47 -12.23 2.08
CA ASN A 260 18.69 -11.59 3.15
C ASN A 260 19.54 -11.44 4.37
N GLU A 261 20.17 -12.54 4.76
CA GLU A 261 21.07 -12.57 5.91
C GLU A 261 22.11 -11.47 5.81
N GLN A 262 22.79 -11.38 4.67
CA GLN A 262 23.79 -10.32 4.42
C GLN A 262 23.24 -8.88 4.47
N VAL A 263 22.03 -8.71 3.94
CA VAL A 263 21.33 -7.40 3.99
C VAL A 263 21.06 -7.01 5.43
N LEU A 264 20.57 -7.97 6.23
CA LEU A 264 20.24 -7.73 7.63
C LEU A 264 21.43 -7.09 8.38
N LYS A 265 22.58 -7.77 8.32
CA LYS A 265 23.84 -7.33 8.90
C LYS A 265 24.28 -5.95 8.37
N PHE A 266 24.37 -5.83 7.05
CA PHE A 266 24.80 -4.58 6.40
C PHE A 266 24.00 -3.36 6.85
N VAL A 267 22.67 -3.48 6.76
CA VAL A 267 21.79 -2.38 7.13
C VAL A 267 21.94 -2.12 8.62
N MET A 268 21.91 -3.16 9.44
CA MET A 268 22.05 -2.96 10.89
C MET A 268 23.35 -2.25 11.27
N ASP A 269 24.38 -2.42 10.43
CA ASP A 269 25.68 -1.74 10.58
C ASP A 269 25.75 -0.30 10.05
N GLY A 270 24.73 0.17 9.34
CA GLY A 270 24.77 1.53 8.79
C GLY A 270 24.69 1.54 7.27
N GLY A 271 24.76 0.36 6.66
CA GLY A 271 24.53 0.26 5.23
C GLY A 271 23.17 0.75 4.74
N TYR A 272 23.12 0.99 3.43
CA TYR A 272 21.91 1.31 2.65
C TYR A 272 22.23 1.16 1.16
N LEU A 273 21.22 1.36 0.32
CA LEU A 273 21.39 1.20 -1.14
C LEU A 273 22.17 2.35 -1.77
N ASP A 274 22.78 2.11 -2.93
CA ASP A 274 23.34 3.18 -3.76
C ASP A 274 22.20 3.81 -4.55
N GLN A 275 22.38 5.08 -4.92
CA GLN A 275 21.50 5.72 -5.93
C GLN A 275 21.60 4.94 -7.24
N PRO A 276 20.45 4.70 -7.93
CA PRO A 276 20.50 4.05 -9.24
C PRO A 276 21.16 4.94 -10.27
N ASP A 277 21.61 4.35 -11.38
CA ASP A 277 22.28 5.14 -12.39
C ASP A 277 21.39 6.26 -12.90
N ASN A 278 21.93 7.47 -12.91
CA ASN A 278 21.27 8.66 -13.46
C ASN A 278 20.03 9.06 -12.68
N CYS A 279 20.04 8.68 -11.41
CA CYS A 279 19.01 9.10 -10.49
C CYS A 279 18.99 10.62 -10.35
N PRO A 280 17.81 11.23 -10.49
CA PRO A 280 17.69 12.66 -10.29
C PRO A 280 18.11 13.14 -8.88
N GLU A 281 18.85 14.24 -8.84
CA GLU A 281 19.35 14.83 -7.60
C GLU A 281 18.23 15.07 -6.56
N ARG A 282 17.07 15.50 -7.04
CA ARG A 282 15.94 15.66 -6.14
C ARG A 282 15.57 14.34 -5.47
N VAL A 283 15.55 13.25 -6.25
CA VAL A 283 15.17 11.96 -5.68
C VAL A 283 16.26 11.50 -4.71
N THR A 284 17.51 11.47 -5.16
CA THR A 284 18.65 11.24 -4.28
C THR A 284 18.51 11.94 -2.92
N ASP A 285 18.15 13.22 -2.91
CA ASP A 285 18.03 14.00 -1.67
C ASP A 285 17.01 13.45 -0.67
N LEU A 286 15.89 12.99 -1.20
CA LEU A 286 14.86 12.39 -0.37
C LEU A 286 15.35 11.08 0.24
N MET A 287 16.00 10.24 -0.58
CA MET A 287 16.58 8.98 -0.09
C MET A 287 17.55 9.20 1.08
N ARG A 288 18.48 10.15 0.96
CA ARG A 288 19.39 10.46 2.05
C ARG A 288 18.61 10.76 3.33
N MET A 289 17.56 11.58 3.24
CA MET A 289 16.76 11.86 4.43
C MET A 289 16.14 10.56 4.97
N CYS A 290 15.59 9.74 4.07
CA CYS A 290 14.88 8.51 4.48
C CYS A 290 15.77 7.51 5.19
N TRP A 291 17.07 7.58 4.88
CA TRP A 291 18.03 6.56 5.29
C TRP A 291 18.98 6.97 6.38
N GLN A 292 18.66 8.06 7.06
CA GLN A 292 19.30 8.43 8.31
C GLN A 292 19.16 7.25 9.27
N PHE A 293 20.25 6.89 9.93
CA PHE A 293 20.27 5.74 10.84
C PHE A 293 19.35 5.96 12.02
N ASN A 294 19.44 7.15 12.60
CA ASN A 294 18.60 7.55 13.72
C ASN A 294 17.16 7.84 13.23
N PRO A 295 16.19 7.01 13.66
CA PRO A 295 14.81 7.14 13.21
C PRO A 295 14.24 8.53 13.47
N ASN A 296 14.71 9.20 14.52
CA ASN A 296 14.27 10.56 14.83
C ASN A 296 14.68 11.59 13.76
N MET A 297 15.71 11.26 12.99
CA MET A 297 16.28 12.22 12.07
C MET A 297 15.64 12.20 10.68
N ARG A 298 14.86 11.15 10.41
CA ARG A 298 14.20 11.00 9.10
C ARG A 298 13.01 11.96 9.00
N PRO A 299 12.63 12.37 7.78
CA PRO A 299 11.47 13.27 7.74
C PRO A 299 10.12 12.55 8.07
N THR A 300 9.06 13.34 8.21
CA THR A 300 7.74 12.79 8.29
C THR A 300 7.14 12.78 6.87
N PHE A 301 6.14 11.95 6.63
CA PHE A 301 5.52 11.97 5.30
C PHE A 301 4.93 13.34 4.97
N LEU A 302 4.40 14.05 5.97
CA LEU A 302 3.85 15.40 5.71
C LEU A 302 4.93 16.37 5.22
N GLU A 303 6.16 16.21 5.74
CA GLU A 303 7.29 17.02 5.31
C GLU A 303 7.73 16.67 3.88
N ILE A 304 7.72 15.37 3.58
CA ILE A 304 7.98 14.92 2.22
C ILE A 304 7.04 15.61 1.24
N VAL A 305 5.74 15.54 1.51
CA VAL A 305 4.78 16.13 0.61
C VAL A 305 5.09 17.61 0.49
N ASN A 306 5.41 18.25 1.63
CA ASN A 306 5.73 19.70 1.66
C ASN A 306 6.95 20.07 0.80
N LEU A 307 7.94 19.19 0.71
CA LEU A 307 9.08 19.47 -0.17
C LEU A 307 8.66 19.45 -1.63
N LEU A 308 7.60 18.71 -1.93
CA LEU A 308 7.21 18.42 -3.33
C LEU A 308 6.04 19.27 -3.82
N LYS A 309 5.37 19.96 -2.91
CA LYS A 309 4.07 20.52 -3.20
C LYS A 309 3.99 21.54 -4.34
N ASP A 310 5.08 22.25 -4.63
CA ASP A 310 5.02 23.32 -5.62
C ASP A 310 5.09 22.87 -7.07
N ASP A 311 5.41 21.60 -7.30
CA ASP A 311 5.51 21.06 -8.66
C ASP A 311 4.73 19.76 -8.79
N LEU A 312 3.42 19.85 -8.60
CA LEU A 312 2.52 18.70 -8.68
C LEU A 312 1.39 19.13 -9.56
N HIS A 313 0.63 18.15 -10.06
CA HIS A 313 -0.56 18.41 -10.89
C HIS A 313 -1.50 19.34 -10.17
N PRO A 314 -2.27 20.15 -10.91
CA PRO A 314 -3.16 21.13 -10.26
C PRO A 314 -4.22 20.51 -9.39
N SER A 315 -4.61 19.28 -9.67
CA SER A 315 -5.64 18.62 -8.89
C SER A 315 -5.19 18.15 -7.52
N PHE A 316 -3.89 18.14 -7.29
CA PHE A 316 -3.36 17.57 -6.04
C PHE A 316 -3.91 18.23 -4.78
N PRO A 317 -4.00 19.58 -4.76
CA PRO A 317 -4.54 20.19 -3.52
C PRO A 317 -6.02 19.89 -3.25
N GLU A 318 -6.80 19.66 -4.31
CA GLU A 318 -8.23 19.38 -4.19
C GLU A 318 -8.51 17.99 -3.62
N VAL A 319 -7.56 17.07 -3.73
CA VAL A 319 -7.79 15.68 -3.31
C VAL A 319 -6.84 15.22 -2.18
N SER A 320 -5.75 15.94 -1.93
CA SER A 320 -4.76 15.40 -1.00
C SER A 320 -5.17 15.43 0.48
N PHE A 321 -4.53 14.57 1.27
CA PHE A 321 -4.74 14.57 2.72
C PHE A 321 -4.03 15.80 3.27
N PHE A 322 -2.84 16.06 2.73
CA PHE A 322 -1.97 17.15 3.18
C PHE A 322 -2.71 18.49 3.17
N HIS A 323 -3.43 18.78 2.09
CA HIS A 323 -4.17 20.05 1.98
C HIS A 323 -5.51 20.09 2.65
N SER A 324 -6.04 18.92 3.04
CA SER A 324 -7.39 18.83 3.62
C SER A 324 -7.44 19.39 5.03
N GLU A 325 -8.66 19.70 5.49
CA GLU A 325 -8.91 20.24 6.84
C GLU A 325 -8.60 19.18 7.91
N GLU A 326 -8.82 17.93 7.55
CA GLU A 326 -8.57 16.81 8.43
C GLU A 326 -7.10 16.78 8.88
N ASN A 327 -6.20 17.28 8.02
CA ASN A 327 -4.83 17.49 8.44
C ASN A 327 -4.74 18.71 9.36
N LYS A 328 -5.31 18.57 10.56
CA LYS A 328 -5.46 19.67 11.53
C LYS A 328 -4.17 19.89 12.32
PG ACP B . -0.87 -9.78 1.35
O1G ACP B . 0.52 -9.23 1.32
O2G ACP B . -1.67 -9.16 2.62
O3G ACP B . -0.90 -11.40 1.39
PB ACP B . -0.95 -9.72 -1.68
O1B ACP B . 0.48 -9.33 -1.76
O2B ACP B . -1.17 -11.29 -1.97
C3B ACP B . -1.73 -9.22 -0.14
PA ACP B . -1.90 -7.34 -3.02
O1A ACP B . -0.62 -6.62 -2.67
O2A ACP B . -3.19 -6.85 -2.42
O3A ACP B . -1.74 -8.95 -2.85
O5' ACP B . -2.11 -7.45 -4.61
C5' ACP B . -1.46 -8.48 -5.34
C4' ACP B . -1.43 -7.96 -6.78
O4' ACP B . -2.76 -7.93 -7.31
C3' ACP B . -0.93 -6.53 -6.80
O3' ACP B . 0.49 -6.48 -6.93
C2' ACP B . -1.71 -5.88 -7.93
O2' ACP B . -1.06 -5.91 -9.23
C1' ACP B . -3.01 -6.69 -7.96
N9 ACP B . -3.96 -5.87 -7.17
C8 ACP B . -4.11 -5.81 -5.84
N7 ACP B . -5.04 -4.91 -5.48
C5 ACP B . -5.50 -4.35 -6.62
C6 ACP B . -6.50 -3.33 -7.00
N6 ACP B . -7.25 -2.68 -6.08
N1 ACP B . -6.65 -3.05 -8.29
C2 ACP B . -5.94 -3.68 -9.24
N3 ACP B . -5.03 -4.61 -8.99
C4 ACP B . -4.78 -4.98 -7.72
MG MG C . 1.07 -7.25 -1.76
MG MG D . 0.18 -12.52 -0.90
#